data_4LIL
#
_entry.id   4LIL
#
_cell.length_a   79.346
_cell.length_b   79.346
_cell.length_c   148.200
_cell.angle_alpha   90.00
_cell.angle_beta   90.00
_cell.angle_gamma   90.00
#
_symmetry.space_group_name_H-M   'P 43 21 2'
#
loop_
_entity.id
_entity.type
_entity.pdbx_description
1 polymer 'DNA primase small subunit'
2 non-polymer 'ZINC ION'
3 non-polymer 'MANGANESE (II) ION'
4 non-polymer "URIDINE 5'-TRIPHOSPHATE"
5 water water
#
_entity_poly.entity_id   1
_entity_poly.type   'polypeptide(L)'
_entity_poly.pdbx_seq_one_letter_code
;GPGSMETFDPTELPELLKLYYRRLFPYSQYYRWLNYGGVIKNYFQHREFSFTLKDDIYIRYQSFNNQSDLEKEMQKMNPY
KIDIGAVYSHRPNQHNTVKLGAFQAQEKELVFDIDMTDYDDVRRCCSSADICPKCWTLMTMAIRIIDRALKEDFGFKHRL
WVYSGRRGVHCWVCDESVRKLSSAVRSGIVEYLSLVKGGQDVKKKVHLSEKIHPFIRKSINIIKKYFEEYALVNQDILEN
KESWDKILALVPETIHDELQQSFQKSHNSLQRWEHLKKVASRYQNNIKNDKYGPWLEWEIMLQYCFPRLDINVSKGINHL
LKSPFSVHPKTGRISVPIDLQKVDQFDPFTVPTISFICRELDATRDYKKTSLAPYVKVFEHFLENLDKSRKG
;
_entity_poly.pdbx_strand_id   A
#
loop_
_chem_comp.id
_chem_comp.type
_chem_comp.name
_chem_comp.formula
MN non-polymer 'MANGANESE (II) ION' 'Mn 2'
UTP non-polymer 'URIDINE 5'-TRIPHOSPHATE' 'C9 H15 N2 O15 P3'
ZN non-polymer 'ZINC ION' 'Zn 2'
#
# COMPACT_ATOMS: atom_id res chain seq x y z
N PRO A 10 -23.15 -11.11 -3.06
CA PRO A 10 -22.60 -10.68 -4.35
C PRO A 10 -23.56 -10.97 -5.55
N THR A 11 -24.69 -11.65 -5.30
CA THR A 11 -25.63 -11.96 -6.39
C THR A 11 -26.28 -10.70 -7.01
N GLU A 12 -26.15 -9.60 -6.25
CA GLU A 12 -26.83 -8.33 -6.53
C GLU A 12 -25.79 -7.31 -6.97
N LEU A 13 -24.57 -7.81 -7.09
CA LEU A 13 -23.47 -7.01 -7.60
C LEU A 13 -23.69 -6.43 -9.03
N PRO A 14 -24.21 -7.22 -10.00
CA PRO A 14 -24.49 -6.60 -11.30
C PRO A 14 -25.38 -5.34 -11.25
N GLU A 15 -26.46 -5.42 -10.50
CA GLU A 15 -27.43 -4.35 -10.32
C GLU A 15 -26.78 -3.14 -9.63
N LEU A 16 -26.10 -3.43 -8.53
CA LEU A 16 -25.37 -2.39 -7.80
C LEU A 16 -24.28 -1.70 -8.61
N LEU A 17 -23.48 -2.48 -9.33
CA LEU A 17 -22.42 -1.96 -10.20
C LEU A 17 -23.02 -1.17 -11.35
N LYS A 18 -24.20 -1.54 -11.80
CA LYS A 18 -24.84 -0.78 -12.85
C LYS A 18 -25.13 0.61 -12.33
N LEU A 19 -25.78 0.67 -11.16
CA LEU A 19 -26.13 2.00 -10.63
C LEU A 19 -24.87 2.82 -10.32
N TYR A 20 -23.84 2.12 -9.85
CA TYR A 20 -22.61 2.77 -9.44
C TYR A 20 -21.82 3.34 -10.63
N TYR A 21 -21.63 2.53 -11.67
CA TYR A 21 -20.97 3.00 -12.88
C TYR A 21 -21.81 4.08 -13.58
N ARG A 22 -23.13 4.05 -13.37
CA ARG A 22 -23.98 5.08 -13.98
C ARG A 22 -23.92 6.42 -13.25
N ARG A 23 -23.88 6.40 -11.92
CA ARG A 23 -24.13 7.63 -11.20
C ARG A 23 -23.06 8.07 -10.22
N LEU A 24 -22.19 7.17 -9.80
CA LEU A 24 -21.32 7.49 -8.69
C LEU A 24 -19.84 7.53 -9.07
N PHE A 25 -19.41 6.62 -9.93
CA PHE A 25 -18.03 6.61 -10.35
C PHE A 25 -17.60 7.96 -10.95
N PRO A 26 -16.58 8.59 -10.35
CA PRO A 26 -16.13 9.97 -10.65
C PRO A 26 -15.39 10.09 -11.99
N TYR A 27 -16.14 10.03 -13.08
CA TYR A 27 -15.54 9.97 -14.41
C TYR A 27 -14.68 11.18 -14.75
N SER A 28 -15.20 12.38 -14.46
CA SER A 28 -14.44 13.59 -14.76
C SER A 28 -13.12 13.66 -14.00
N GLN A 29 -13.14 13.21 -12.75
CA GLN A 29 -11.92 13.25 -11.93
C GLN A 29 -10.93 12.21 -12.42
N TYR A 30 -11.44 11.01 -12.67
CA TYR A 30 -10.66 9.92 -13.20
C TYR A 30 -9.93 10.32 -14.50
N TYR A 31 -10.66 10.98 -15.40
CA TYR A 31 -10.11 11.38 -16.69
C TYR A 31 -9.14 12.53 -16.53
N ARG A 32 -9.40 13.41 -15.56
CA ARG A 32 -8.44 14.45 -15.25
C ARG A 32 -7.09 13.82 -14.86
N TRP A 33 -7.18 12.83 -13.99
CA TRP A 33 -6.02 12.06 -13.58
C TRP A 33 -5.31 11.50 -14.80
N LEU A 34 -5.91 10.48 -15.41
CA LEU A 34 -5.15 9.70 -16.39
C LEU A 34 -4.83 10.47 -17.69
N ASN A 35 -5.48 11.62 -17.90
CA ASN A 35 -5.20 12.46 -19.05
C ASN A 35 -4.12 13.47 -18.75
N TYR A 36 -3.95 13.79 -17.47
CA TYR A 36 -2.81 14.61 -17.03
C TYR A 36 -2.88 16.04 -17.57
N ILE A 40 0.87 16.00 -23.34
CA ILE A 40 1.37 14.82 -24.08
C ILE A 40 0.31 14.16 -24.98
N LYS A 41 0.59 14.11 -26.29
CA LYS A 41 -0.42 13.62 -27.23
C LYS A 41 -0.70 12.13 -27.08
N ASN A 42 -1.98 11.76 -27.09
CA ASN A 42 -2.37 10.36 -27.01
C ASN A 42 -2.09 9.65 -25.65
N TYR A 43 -1.76 10.42 -24.62
CA TYR A 43 -1.42 9.83 -23.34
C TYR A 43 -2.62 9.11 -22.70
N PHE A 44 -3.82 9.65 -22.85
CA PHE A 44 -4.96 8.90 -22.37
C PHE A 44 -5.32 7.73 -23.30
N GLN A 45 -5.18 7.93 -24.60
CA GLN A 45 -5.61 6.95 -25.58
C GLN A 45 -4.64 5.78 -25.71
N HIS A 46 -3.46 5.89 -25.14
CA HIS A 46 -2.44 4.84 -25.21
C HIS A 46 -2.37 4.04 -23.89
N ARG A 47 -3.22 4.40 -22.93
CA ARG A 47 -3.32 3.72 -21.64
C ARG A 47 -4.08 2.44 -21.85
N GLU A 48 -3.51 1.33 -21.36
CA GLU A 48 -4.25 0.08 -21.25
C GLU A 48 -5.13 0.04 -20.00
N PHE A 49 -6.35 -0.43 -20.18
CA PHE A 49 -7.19 -0.87 -19.09
C PHE A 49 -7.53 -2.32 -19.33
N SER A 50 -7.72 -3.04 -18.22
CA SER A 50 -8.19 -4.40 -18.29
C SER A 50 -9.44 -4.54 -17.43
N PHE A 51 -10.55 -4.98 -18.02
CA PHE A 51 -11.79 -5.14 -17.25
C PHE A 51 -11.97 -6.60 -16.89
N THR A 52 -12.50 -6.86 -15.70
CA THR A 52 -12.85 -8.21 -15.35
C THR A 52 -14.37 -8.34 -15.29
N LEU A 53 -14.87 -9.40 -15.88
CA LEU A 53 -16.29 -9.66 -15.95
C LEU A 53 -16.67 -10.77 -14.98
N LYS A 54 -17.85 -11.35 -15.16
CA LYS A 54 -18.28 -12.52 -14.41
C LYS A 54 -17.30 -13.66 -14.66
N ASP A 55 -17.14 -14.51 -13.65
CA ASP A 55 -16.35 -15.72 -13.76
C ASP A 55 -14.87 -15.52 -13.92
N ASP A 56 -14.36 -14.39 -13.45
CA ASP A 56 -12.92 -14.05 -13.58
C ASP A 56 -12.42 -14.03 -15.02
N ILE A 57 -13.32 -13.72 -15.94
CA ILE A 57 -12.97 -13.53 -17.32
C ILE A 57 -12.65 -12.07 -17.48
N TYR A 58 -11.47 -11.78 -18.01
CA TYR A 58 -11.03 -10.41 -18.15
C TYR A 58 -10.54 -10.18 -19.56
N ILE A 59 -10.69 -8.95 -20.03
CA ILE A 59 -10.07 -8.57 -21.27
C ILE A 59 -8.94 -7.59 -21.05
N ARG A 60 -7.83 -7.83 -21.73
CA ARG A 60 -6.70 -6.93 -21.70
C ARG A 60 -6.72 -5.95 -22.85
N TYR A 61 -5.86 -4.94 -22.74
CA TYR A 61 -5.56 -4.05 -23.86
C TYR A 61 -6.78 -3.29 -24.34
N GLN A 62 -7.65 -2.88 -23.41
CA GLN A 62 -8.69 -1.93 -23.76
C GLN A 62 -8.06 -0.57 -23.69
N SER A 63 -8.56 0.33 -24.50
CA SER A 63 -8.11 1.72 -24.50
C SER A 63 -9.24 2.49 -25.14
N PHE A 64 -9.26 3.80 -24.94
CA PHE A 64 -10.44 4.61 -25.17
C PHE A 64 -10.05 5.95 -25.75
N ASN A 65 -10.91 6.52 -26.58
CA ASN A 65 -10.62 7.78 -27.27
C ASN A 65 -10.63 8.97 -26.32
N ASN A 66 -11.46 8.88 -25.30
CA ASN A 66 -11.70 9.98 -24.41
C ASN A 66 -12.64 9.56 -23.31
N GLN A 67 -12.92 10.52 -22.42
CA GLN A 67 -13.76 10.32 -21.24
C GLN A 67 -15.10 9.69 -21.61
N SER A 68 -15.78 10.28 -22.59
CA SER A 68 -17.09 9.81 -23.01
C SER A 68 -17.07 8.34 -23.39
N ASP A 69 -16.13 7.99 -24.26
CA ASP A 69 -15.97 6.62 -24.67
C ASP A 69 -15.75 5.70 -23.47
N LEU A 70 -14.82 6.07 -22.61
CA LEU A 70 -14.61 5.28 -21.40
C LEU A 70 -15.91 5.05 -20.61
N GLU A 71 -16.66 6.13 -20.36
CA GLU A 71 -17.98 6.08 -19.71
C GLU A 71 -18.95 5.10 -20.38
N LYS A 72 -19.05 5.18 -21.70
CA LYS A 72 -19.98 4.29 -22.39
C LYS A 72 -19.58 2.85 -22.16
N GLU A 73 -18.28 2.59 -22.23
CA GLU A 73 -17.82 1.22 -22.16
C GLU A 73 -18.04 0.67 -20.75
N MET A 74 -17.59 1.42 -19.74
CA MET A 74 -17.81 1.01 -18.37
C MET A 74 -19.30 0.80 -18.09
N GLN A 75 -20.16 1.72 -18.54
CA GLN A 75 -21.60 1.53 -18.39
C GLN A 75 -22.16 0.34 -19.15
N LYS A 76 -21.46 -0.12 -20.17
CA LYS A 76 -21.96 -1.27 -20.95
C LYS A 76 -21.47 -2.64 -20.43
N MET A 77 -20.23 -2.74 -19.98
CA MET A 77 -19.75 -4.02 -19.49
C MET A 77 -20.02 -4.17 -17.99
N ASN A 78 -20.18 -3.04 -17.31
CA ASN A 78 -20.29 -3.00 -15.85
C ASN A 78 -19.31 -3.98 -15.20
N PRO A 79 -18.03 -3.69 -15.35
CA PRO A 79 -17.04 -4.71 -14.99
C PRO A 79 -16.94 -4.92 -13.48
N TYR A 80 -16.69 -6.15 -13.05
CA TYR A 80 -16.45 -6.42 -11.63
C TYR A 80 -15.17 -5.76 -11.16
N LYS A 81 -14.08 -5.95 -11.88
CA LYS A 81 -12.87 -5.17 -11.62
C LYS A 81 -12.48 -4.28 -12.78
N ILE A 82 -11.53 -3.40 -12.48
CA ILE A 82 -10.83 -2.60 -13.44
C ILE A 82 -9.39 -2.51 -13.01
N ASP A 83 -8.47 -2.84 -13.91
CA ASP A 83 -7.04 -2.60 -13.73
C ASP A 83 -6.54 -1.53 -14.72
N ILE A 84 -5.62 -0.68 -14.25
CA ILE A 84 -4.94 0.29 -15.11
C ILE A 84 -3.55 -0.27 -15.39
N GLY A 85 -3.15 -0.32 -16.65
CA GLY A 85 -1.79 -0.70 -17.00
C GLY A 85 -0.97 0.47 -17.50
N ALA A 86 -0.05 0.19 -18.41
CA ALA A 86 0.91 1.20 -18.85
C ALA A 86 0.40 2.03 -20.03
N VAL A 87 1.13 3.12 -20.28
CA VAL A 87 0.96 3.92 -21.48
C VAL A 87 1.89 3.35 -22.55
N TYR A 88 1.27 2.90 -23.64
CA TYR A 88 1.97 2.21 -24.70
C TYR A 88 2.38 3.07 -25.91
N SER A 89 3.10 2.44 -26.83
CA SER A 89 3.68 3.16 -27.96
C SER A 89 2.61 3.35 -29.03
N HIS A 90 1.50 2.63 -28.87
CA HIS A 90 0.36 2.66 -29.77
C HIS A 90 -0.88 2.48 -28.91
N ARG A 91 -2.05 2.76 -29.45
CA ARG A 91 -3.30 2.41 -28.78
C ARG A 91 -3.33 0.90 -28.52
N PRO A 92 -3.43 0.49 -27.25
CA PRO A 92 -3.53 -0.94 -26.94
C PRO A 92 -4.62 -1.66 -27.74
N ASN A 93 -5.79 -1.04 -27.91
CA ASN A 93 -6.86 -1.67 -28.70
C ASN A 93 -6.53 -1.91 -30.19
N GLN A 94 -5.38 -1.43 -30.62
CA GLN A 94 -4.90 -1.61 -31.99
C GLN A 94 -3.65 -2.48 -32.02
N HIS A 95 -3.23 -2.99 -30.87
CA HIS A 95 -1.93 -3.62 -30.76
C HIS A 95 -1.73 -4.77 -31.75
N ASN A 96 -2.81 -5.44 -32.11
CA ASN A 96 -2.73 -6.50 -33.12
C ASN A 96 -2.36 -6.06 -34.54
N THR A 97 -2.53 -4.77 -34.83
CA THR A 97 -2.12 -4.23 -36.13
C THR A 97 -0.62 -3.91 -36.13
N VAL A 98 -0.10 -3.55 -34.96
CA VAL A 98 1.30 -3.15 -34.78
C VAL A 98 2.30 -4.26 -35.13
N LYS A 99 3.35 -3.90 -35.86
CA LYS A 99 4.37 -4.86 -36.27
C LYS A 99 5.14 -5.48 -35.09
N LEU A 100 5.54 -6.74 -35.27
CA LEU A 100 6.33 -7.52 -34.30
C LEU A 100 7.31 -6.66 -33.51
N GLY A 101 7.20 -6.73 -32.18
CA GLY A 101 8.15 -6.06 -31.31
C GLY A 101 7.86 -4.60 -31.12
N ALA A 102 7.22 -3.97 -32.11
CA ALA A 102 6.98 -2.52 -32.05
C ALA A 102 6.08 -2.09 -30.88
N PHE A 103 5.02 -2.85 -30.59
CA PHE A 103 4.14 -2.51 -29.47
C PHE A 103 4.86 -2.68 -28.13
N GLN A 104 5.02 -1.57 -27.41
CA GLN A 104 5.87 -1.57 -26.24
C GLN A 104 5.33 -0.67 -25.14
N ALA A 105 5.38 -1.18 -23.91
CA ALA A 105 5.00 -0.37 -22.75
C ALA A 105 6.01 0.73 -22.65
N GLN A 106 5.56 1.97 -22.54
CA GLN A 106 6.51 3.08 -22.50
C GLN A 106 6.57 3.75 -21.15
N GLU A 107 5.41 4.04 -20.56
CA GLU A 107 5.42 4.73 -19.28
C GLU A 107 4.43 4.15 -18.31
N LYS A 108 4.69 4.34 -17.03
CA LYS A 108 3.69 4.05 -16.04
C LYS A 108 4.09 4.63 -14.71
N GLU A 109 3.09 4.90 -13.88
CA GLU A 109 3.30 5.37 -12.52
C GLU A 109 4.20 4.41 -11.71
N LEU A 110 4.92 4.95 -10.74
CA LEU A 110 5.63 4.05 -9.83
C LEU A 110 4.59 3.52 -8.87
N VAL A 111 4.42 2.22 -8.81
CA VAL A 111 3.37 1.73 -7.92
C VAL A 111 3.90 0.85 -6.80
N PHE A 112 3.29 0.99 -5.63
CA PHE A 112 3.57 0.09 -4.51
C PHE A 112 2.28 -0.60 -4.10
N ASP A 113 2.39 -1.85 -3.66
CA ASP A 113 1.25 -2.66 -3.25
C ASP A 113 1.56 -3.29 -1.91
N ILE A 114 1.12 -2.68 -0.82
CA ILE A 114 1.25 -3.26 0.52
C ILE A 114 0.06 -4.15 0.80
N ASP A 115 0.36 -5.41 1.09
CA ASP A 115 -0.65 -6.41 1.31
C ASP A 115 -0.42 -7.05 2.71
N MET A 116 -1.47 -7.16 3.50
CA MET A 116 -1.35 -7.57 4.90
C MET A 116 -0.78 -8.99 5.12
N THR A 117 -1.04 -9.88 4.16
CA THR A 117 -0.51 -11.25 4.21
C THR A 117 1.03 -11.31 4.25
N ASP A 118 1.66 -10.38 3.55
CA ASP A 118 3.11 -10.18 3.67
C ASP A 118 3.69 -10.21 5.10
N TYR A 119 2.84 -9.93 6.09
CA TYR A 119 3.21 -9.90 7.50
C TYR A 119 2.52 -10.95 8.40
N ASP A 120 1.86 -11.96 7.83
CA ASP A 120 1.20 -12.99 8.65
C ASP A 120 2.02 -13.47 9.87
N ASP A 121 3.31 -13.73 9.62
CA ASP A 121 4.27 -14.25 10.60
C ASP A 121 4.56 -13.30 11.75
N VAL A 122 3.97 -12.12 11.71
CA VAL A 122 4.21 -11.12 12.72
C VAL A 122 2.86 -10.69 13.35
N ARG A 123 1.76 -11.23 12.83
CA ARG A 123 0.46 -11.03 13.47
C ARG A 123 0.01 -12.20 14.33
N ARG A 124 -0.69 -11.92 15.43
CA ARG A 124 -1.22 -12.95 16.33
C ARG A 124 -2.74 -13.06 16.26
N CYS A 125 -3.33 -12.38 15.30
CA CYS A 125 -4.77 -12.19 15.25
C CYS A 125 -5.39 -12.59 13.91
N CYS A 126 -4.64 -12.49 12.83
CA CYS A 126 -5.24 -12.65 11.50
C CYS A 126 -4.38 -13.36 10.44
N SER A 127 -5.08 -14.07 9.56
CA SER A 127 -4.44 -14.88 8.53
C SER A 127 -5.19 -14.83 7.19
N ASP A 130 -7.66 -11.66 5.68
CA ASP A 130 -8.19 -11.19 6.95
C ASP A 130 -7.42 -10.01 7.53
N ILE A 131 -8.16 -9.14 8.22
CA ILE A 131 -7.62 -7.95 8.89
C ILE A 131 -8.52 -7.66 10.09
N CYS A 132 -8.14 -6.64 10.87
CA CYS A 132 -8.90 -6.21 12.05
C CYS A 132 -8.21 -4.96 12.62
N PRO A 133 -8.85 -4.28 13.59
CA PRO A 133 -8.24 -3.08 14.18
C PRO A 133 -6.84 -3.28 14.71
N LYS A 134 -6.59 -4.47 15.27
CA LYS A 134 -5.36 -4.77 15.98
C LYS A 134 -4.12 -4.89 15.08
N CYS A 135 -4.30 -4.98 13.75
CA CYS A 135 -3.17 -5.22 12.86
C CYS A 135 -3.13 -4.31 11.63
N TRP A 136 -4.12 -3.43 11.49
CA TRP A 136 -4.15 -2.41 10.43
C TRP A 136 -3.09 -1.31 10.63
N THR A 137 -2.68 -1.19 11.88
CA THR A 137 -1.62 -0.26 12.24
C THR A 137 -0.36 -0.54 11.42
N LEU A 138 -0.16 -1.79 11.06
CA LEU A 138 0.91 -2.16 10.17
C LEU A 138 0.84 -1.33 8.88
N MET A 139 -0.38 -1.19 8.35
CA MET A 139 -0.60 -0.39 7.17
C MET A 139 -0.37 1.09 7.45
N THR A 140 -0.82 1.54 8.61
CA THR A 140 -0.55 2.94 8.97
C THR A 140 0.96 3.28 8.93
N MET A 141 1.75 2.36 9.46
CA MET A 141 3.19 2.58 9.53
C MET A 141 3.80 2.48 8.15
N ALA A 142 3.35 1.51 7.36
CA ALA A 142 3.87 1.34 5.99
C ALA A 142 3.61 2.60 5.14
N ILE A 143 2.41 3.13 5.26
CA ILE A 143 2.04 4.38 4.62
C ILE A 143 2.92 5.56 5.03
N ARG A 144 3.06 5.78 6.33
CA ARG A 144 3.89 6.91 6.76
C ARG A 144 5.38 6.78 6.37
N ILE A 145 5.93 5.57 6.56
CA ILE A 145 7.32 5.28 6.21
C ILE A 145 7.59 5.50 4.72
N ILE A 146 6.82 4.79 3.90
CA ILE A 146 7.02 4.87 2.46
C ILE A 146 6.76 6.27 1.95
N ASP A 147 5.62 6.85 2.32
CA ASP A 147 5.31 8.19 1.83
C ASP A 147 6.40 9.21 2.19
N ARG A 148 6.92 9.10 3.42
CA ARG A 148 7.95 10.03 3.86
C ARG A 148 9.19 9.85 3.01
N ALA A 149 9.61 8.61 2.76
CA ALA A 149 10.79 8.48 1.88
C ALA A 149 10.57 9.00 0.44
N LEU A 150 9.37 8.76 -0.12
CA LEU A 150 9.09 9.14 -1.49
C LEU A 150 9.11 10.66 -1.61
N LYS A 151 8.54 11.33 -0.63
CA LYS A 151 8.37 12.77 -0.69
C LYS A 151 9.63 13.50 -0.24
N GLU A 152 10.21 13.07 0.87
CA GLU A 152 11.34 13.78 1.43
C GLU A 152 12.67 13.35 0.84
N ASP A 153 12.83 12.08 0.47
CA ASP A 153 14.15 11.62 0.04
C ASP A 153 14.24 11.62 -1.47
N PHE A 154 13.15 11.25 -2.12
CA PHE A 154 13.12 11.24 -3.58
C PHE A 154 12.57 12.52 -4.18
N GLY A 155 11.80 13.26 -3.40
CA GLY A 155 11.30 14.53 -3.87
C GLY A 155 10.15 14.36 -4.83
N PHE A 156 9.53 13.19 -4.80
CA PHE A 156 8.30 12.90 -5.52
C PHE A 156 7.11 13.66 -4.93
N LYS A 157 6.50 14.47 -5.78
CA LYS A 157 5.48 15.43 -5.35
C LYS A 157 4.02 14.92 -5.40
N HIS A 158 3.74 13.90 -6.20
CA HIS A 158 2.35 13.52 -6.43
C HIS A 158 2.06 12.07 -6.15
N ARG A 159 1.63 11.82 -4.92
CA ARG A 159 1.46 10.48 -4.42
C ARG A 159 0.01 10.23 -4.07
N LEU A 160 -0.60 9.25 -4.73
CA LEU A 160 -1.97 8.88 -4.39
C LEU A 160 -1.98 7.54 -3.66
N TRP A 161 -2.34 7.58 -2.37
CA TRP A 161 -2.54 6.36 -1.59
C TRP A 161 -4.00 5.90 -1.65
N VAL A 162 -4.19 4.60 -1.86
CA VAL A 162 -5.49 4.03 -2.11
C VAL A 162 -5.73 2.73 -1.32
N TYR A 163 -6.91 2.61 -0.72
CA TYR A 163 -7.28 1.41 -0.01
C TYR A 163 -7.58 0.32 -1.01
N SER A 164 -7.00 -0.87 -0.82
CA SER A 164 -7.19 -1.92 -1.81
C SER A 164 -8.59 -2.56 -1.84
N GLY A 165 -9.47 -2.22 -0.90
CA GLY A 165 -10.77 -2.84 -0.84
C GLY A 165 -10.82 -4.04 0.10
N ARG A 166 -9.64 -4.51 0.54
CA ARG A 166 -9.62 -5.69 1.40
C ARG A 166 -8.52 -5.70 2.47
N ARG A 167 -7.31 -6.10 2.07
CA ARG A 167 -6.29 -6.27 3.08
C ARG A 167 -5.01 -5.51 2.83
N GLY A 168 -5.14 -4.29 2.29
CA GLY A 168 -3.97 -3.48 2.10
C GLY A 168 -4.18 -2.17 1.42
N VAL A 169 -3.06 -1.54 1.05
CA VAL A 169 -3.06 -0.25 0.38
C VAL A 169 -2.18 -0.27 -0.87
N HIS A 170 -2.43 0.67 -1.77
CA HIS A 170 -1.63 0.89 -2.99
C HIS A 170 -1.15 2.31 -2.99
N CYS A 171 0.01 2.54 -3.60
CA CYS A 171 0.48 3.91 -3.82
C CYS A 171 0.80 4.12 -5.29
N TRP A 172 0.22 5.18 -5.83
CA TRP A 172 0.54 5.62 -7.18
C TRP A 172 1.43 6.88 -7.18
N VAL A 173 2.68 6.72 -7.59
CA VAL A 173 3.59 7.85 -7.79
C VAL A 173 3.52 8.36 -9.23
N CYS A 174 3.04 9.59 -9.35
CA CYS A 174 2.57 10.11 -10.62
C CYS A 174 3.37 11.30 -11.20
N ASP A 175 4.50 11.68 -10.59
CA ASP A 175 5.37 12.72 -11.15
C ASP A 175 5.78 12.34 -12.54
N GLU A 176 5.83 13.33 -13.41
CA GLU A 176 6.11 13.10 -14.82
C GLU A 176 7.42 12.38 -15.09
N SER A 177 8.46 12.74 -14.33
CA SER A 177 9.76 12.13 -14.54
C SER A 177 9.71 10.70 -14.03
N VAL A 178 9.04 10.50 -12.91
CA VAL A 178 8.85 9.17 -12.35
C VAL A 178 8.17 8.25 -13.35
N ARG A 179 7.08 8.71 -13.94
CA ARG A 179 6.38 7.89 -14.92
C ARG A 179 7.28 7.36 -16.03
N LYS A 180 8.46 7.98 -16.21
CA LYS A 180 9.35 7.65 -17.33
C LYS A 180 10.45 6.66 -16.92
N LEU A 181 10.63 6.51 -15.60
CA LEU A 181 11.65 5.63 -15.05
C LEU A 181 11.56 4.20 -15.56
N SER A 182 12.74 3.61 -15.69
CA SER A 182 12.94 2.26 -16.20
C SER A 182 12.89 1.23 -15.06
N SER A 183 12.75 -0.03 -15.42
CA SER A 183 12.79 -1.10 -14.43
C SER A 183 14.02 -1.06 -13.53
N ALA A 184 15.16 -0.66 -14.07
CA ALA A 184 16.37 -0.71 -13.26
C ALA A 184 16.31 0.34 -12.15
N VAL A 185 15.78 1.51 -12.52
CA VAL A 185 15.65 2.61 -11.58
C VAL A 185 14.54 2.35 -10.56
N ARG A 186 13.35 1.98 -11.04
CA ARG A 186 12.28 1.49 -10.15
C ARG A 186 12.81 0.45 -9.14
N SER A 187 13.56 -0.52 -9.65
CA SER A 187 14.21 -1.52 -8.80
C SER A 187 15.10 -0.90 -7.74
N GLY A 188 15.99 0.01 -8.15
CA GLY A 188 16.89 0.69 -7.21
C GLY A 188 16.15 1.49 -6.14
N ILE A 189 14.97 1.99 -6.49
CA ILE A 189 14.15 2.71 -5.53
C ILE A 189 13.58 1.76 -4.48
N VAL A 190 13.00 0.66 -4.96
CA VAL A 190 12.56 -0.40 -4.06
C VAL A 190 13.69 -0.88 -3.13
N GLU A 191 14.88 -1.09 -3.68
CA GLU A 191 16.01 -1.54 -2.89
C GLU A 191 16.40 -0.48 -1.85
N TYR A 192 16.34 0.80 -2.24
CA TYR A 192 16.53 1.90 -1.29
C TYR A 192 15.55 1.78 -0.15
N LEU A 193 14.32 1.37 -0.46
CA LEU A 193 13.25 1.38 0.53
C LEU A 193 13.16 0.11 1.39
N SER A 194 13.83 -0.96 0.98
CA SER A 194 13.66 -2.26 1.63
C SER A 194 14.61 -2.52 2.79
N LEU A 195 14.06 -3.01 3.90
CA LEU A 195 14.86 -3.33 5.07
C LEU A 195 14.69 -4.79 5.52
N VAL A 196 13.56 -5.39 5.16
CA VAL A 196 13.24 -6.72 5.60
C VAL A 196 13.38 -7.69 4.47
N LYS A 197 14.38 -8.55 4.55
CA LYS A 197 14.52 -9.54 3.49
C LYS A 197 14.10 -10.95 3.93
N LYS A 203 14.32 -16.54 8.49
CA LYS A 203 14.82 -16.55 9.86
C LYS A 203 14.79 -15.15 10.51
N LYS A 204 15.95 -14.50 10.55
CA LYS A 204 16.04 -13.10 10.96
C LYS A 204 16.09 -12.28 9.68
N LYS A 205 15.20 -11.30 9.52
CA LYS A 205 15.07 -10.65 8.22
C LYS A 205 15.60 -9.22 8.15
N VAL A 206 16.12 -8.71 9.25
CA VAL A 206 16.66 -7.36 9.28
C VAL A 206 18.07 -7.33 9.87
N HIS A 207 19.03 -6.82 9.09
CA HIS A 207 20.41 -6.66 9.54
C HIS A 207 20.90 -5.26 9.23
N LEU A 208 21.07 -4.43 10.25
CA LEU A 208 21.52 -3.06 10.05
C LEU A 208 23.05 -2.86 10.04
N SER A 209 23.51 -1.96 9.19
CA SER A 209 24.92 -1.55 9.15
C SER A 209 25.19 -0.81 10.43
N GLU A 210 26.46 -0.65 10.77
CA GLU A 210 26.83 0.16 11.93
C GLU A 210 26.52 1.65 11.70
N LYS A 211 26.86 2.11 10.51
CA LYS A 211 26.63 3.49 10.14
C LYS A 211 25.17 3.62 9.76
N ILE A 212 24.42 4.39 10.54
CA ILE A 212 22.97 4.52 10.35
C ILE A 212 22.53 5.65 9.37
N HIS A 213 21.98 5.24 8.23
CA HIS A 213 21.39 6.14 7.24
C HIS A 213 20.09 6.81 7.76
N PRO A 214 19.90 8.08 7.35
CA PRO A 214 18.70 8.81 7.75
C PRO A 214 17.38 8.09 7.40
N PHE A 215 17.27 7.41 6.25
CA PHE A 215 16.06 6.65 5.96
C PHE A 215 15.70 5.73 7.13
N ILE A 216 16.73 5.04 7.64
CA ILE A 216 16.59 4.03 8.69
C ILE A 216 16.15 4.73 9.95
N ARG A 217 16.85 5.82 10.27
CA ARG A 217 16.49 6.56 11.48
C ARG A 217 15.00 7.07 11.47
N LYS A 218 14.60 7.68 10.37
CA LYS A 218 13.29 8.27 10.29
C LYS A 218 12.15 7.23 10.27
N SER A 219 12.43 6.09 9.63
CA SER A 219 11.47 4.99 9.67
C SER A 219 11.36 4.44 11.08
N ILE A 220 12.49 4.33 11.78
CA ILE A 220 12.46 3.84 13.14
C ILE A 220 11.64 4.78 14.00
N ASN A 221 11.85 6.09 13.83
CA ASN A 221 11.09 7.08 14.60
C ASN A 221 9.59 6.93 14.40
N ILE A 222 9.21 6.81 13.12
CA ILE A 222 7.82 6.57 12.79
C ILE A 222 7.33 5.35 13.55
N ILE A 223 8.04 4.25 13.42
CA ILE A 223 7.66 3.03 14.11
C ILE A 223 7.52 3.23 15.63
N LYS A 224 8.39 4.02 16.24
CA LYS A 224 8.33 4.26 17.68
C LYS A 224 7.11 5.05 18.07
N LYS A 225 6.54 5.80 17.15
CA LYS A 225 5.29 6.46 17.51
C LYS A 225 4.17 5.45 17.91
N TYR A 226 4.27 4.23 17.40
CA TYR A 226 3.16 3.27 17.50
C TYR A 226 3.55 2.01 18.24
N PHE A 227 4.85 1.73 18.29
CA PHE A 227 5.33 0.44 18.70
C PHE A 227 4.76 -0.06 20.04
N GLU A 228 4.77 0.78 21.07
CA GLU A 228 4.25 0.32 22.35
C GLU A 228 2.80 -0.15 22.19
N GLU A 229 1.93 0.70 21.63
CA GLU A 229 0.50 0.33 21.56
C GLU A 229 0.18 -0.80 20.57
N TYR A 230 0.89 -0.85 19.44
CA TYR A 230 0.67 -1.91 18.46
C TYR A 230 1.25 -3.27 18.89
N ALA A 231 2.46 -3.24 19.38
CA ALA A 231 3.24 -4.45 19.58
C ALA A 231 3.22 -4.92 21.03
N LEU A 232 3.30 -3.99 21.97
CA LEU A 232 3.38 -4.43 23.36
C LEU A 232 1.99 -4.57 23.99
N VAL A 233 0.96 -4.04 23.33
CA VAL A 233 -0.36 -4.06 23.92
C VAL A 233 -1.43 -4.65 23.02
N ASN A 234 -1.44 -4.27 21.75
CA ASN A 234 -2.32 -4.90 20.76
C ASN A 234 -1.92 -6.32 20.44
N GLN A 235 -0.67 -6.51 20.01
CA GLN A 235 -0.16 -7.83 19.67
C GLN A 235 0.42 -8.58 20.87
N ASP A 236 0.99 -7.86 21.84
CA ASP A 236 1.49 -8.48 23.08
C ASP A 236 2.60 -9.50 22.79
N ILE A 237 3.61 -9.05 22.03
CA ILE A 237 4.66 -9.93 21.49
C ILE A 237 5.52 -10.61 22.55
N LEU A 238 5.52 -10.09 23.76
CA LEU A 238 6.31 -10.70 24.83
C LEU A 238 5.39 -11.22 25.91
N GLU A 239 4.15 -11.50 25.52
CA GLU A 239 3.09 -11.92 26.44
C GLU A 239 3.50 -13.14 27.26
N ASN A 240 4.15 -14.09 26.59
CA ASN A 240 4.55 -15.36 27.19
C ASN A 240 5.64 -16.10 26.40
N LYS A 241 6.04 -17.28 26.87
CA LYS A 241 7.09 -18.10 26.26
C LYS A 241 7.08 -18.20 24.72
N GLU A 242 6.04 -18.81 24.14
CA GLU A 242 5.99 -19.01 22.69
C GLU A 242 6.09 -17.68 21.96
N SER A 243 5.55 -16.63 22.58
CA SER A 243 5.72 -15.29 22.06
C SER A 243 7.20 -14.88 22.09
N TRP A 244 7.75 -14.70 23.29
CA TRP A 244 9.05 -14.07 23.47
C TRP A 244 10.22 -14.86 22.89
N ASP A 245 10.05 -16.17 22.75
CA ASP A 245 11.07 -17.00 22.10
C ASP A 245 11.22 -16.62 20.62
N LYS A 246 10.12 -16.20 20.00
CA LYS A 246 10.18 -15.65 18.64
C LYS A 246 11.09 -14.41 18.58
N ILE A 247 11.01 -13.55 19.59
CA ILE A 247 11.89 -12.39 19.66
C ILE A 247 13.33 -12.83 19.90
N LEU A 248 13.50 -13.78 20.81
CA LEU A 248 14.83 -14.30 21.12
C LEU A 248 15.54 -14.83 19.88
N ALA A 249 14.78 -15.44 18.97
CA ALA A 249 15.37 -15.93 17.73
C ALA A 249 16.12 -14.83 16.96
N LEU A 250 15.71 -13.58 17.12
CA LEU A 250 16.29 -12.46 16.38
C LEU A 250 17.54 -11.90 17.04
N VAL A 251 17.85 -12.38 18.24
CA VAL A 251 18.98 -11.86 18.96
C VAL A 251 20.05 -12.94 19.13
N PRO A 252 21.32 -12.53 19.29
CA PRO A 252 22.46 -13.42 19.53
C PRO A 252 22.32 -14.30 20.76
N GLU A 253 22.79 -15.54 20.65
CA GLU A 253 22.53 -16.57 21.66
C GLU A 253 23.18 -16.37 23.04
N THR A 254 24.31 -15.66 23.10
CA THR A 254 24.96 -15.39 24.38
C THR A 254 24.07 -14.65 25.40
N ILE A 255 23.12 -13.85 24.90
CA ILE A 255 22.26 -13.04 25.78
C ILE A 255 20.88 -13.68 26.00
N HIS A 256 20.70 -14.85 25.38
CA HIS A 256 19.45 -15.60 25.44
C HIS A 256 18.95 -15.90 26.83
N ASP A 257 19.72 -16.64 27.61
CA ASP A 257 19.23 -17.06 28.92
C ASP A 257 19.03 -15.89 29.91
N GLU A 258 19.88 -14.87 29.82
CA GLU A 258 19.74 -13.71 30.68
C GLU A 258 18.44 -13.01 30.34
N LEU A 259 18.20 -12.86 29.05
CA LEU A 259 16.93 -12.27 28.65
C LEU A 259 15.75 -13.13 29.09
N GLN A 260 15.84 -14.44 28.89
CA GLN A 260 14.74 -15.38 29.19
C GLN A 260 14.36 -15.34 30.67
N GLN A 261 15.37 -15.34 31.52
CA GLN A 261 15.12 -15.29 32.95
C GLN A 261 14.56 -13.93 33.33
N SER A 262 15.07 -12.88 32.67
CA SER A 262 14.56 -11.55 32.91
C SER A 262 13.07 -11.49 32.60
N PHE A 263 12.68 -12.10 31.49
CA PHE A 263 11.30 -12.19 30.99
C PHE A 263 10.43 -13.06 31.89
N GLN A 264 11.04 -14.02 32.57
CA GLN A 264 10.29 -14.83 33.55
C GLN A 264 10.01 -14.08 34.84
N LYS A 265 11.00 -13.30 35.30
CA LYS A 265 10.78 -12.42 36.44
C LYS A 265 9.77 -11.32 36.10
N SER A 266 9.78 -10.87 34.85
CA SER A 266 8.85 -9.84 34.36
C SER A 266 7.40 -10.34 34.24
N HIS A 267 6.45 -9.42 34.33
CA HIS A 267 5.03 -9.76 34.31
C HIS A 267 4.34 -9.40 33.00
N ASN A 268 4.69 -8.26 32.43
CA ASN A 268 4.05 -7.81 31.21
C ASN A 268 5.02 -7.51 30.06
N SER A 269 4.46 -7.43 28.85
CA SER A 269 5.22 -7.19 27.63
C SER A 269 6.09 -5.91 27.67
N LEU A 270 5.60 -4.88 28.35
CA LEU A 270 6.34 -3.61 28.50
C LEU A 270 7.61 -3.78 29.35
N GLN A 271 7.47 -4.45 30.49
CA GLN A 271 8.60 -4.80 31.32
C GLN A 271 9.60 -5.58 30.45
N ARG A 272 9.09 -6.62 29.79
CA ARG A 272 9.97 -7.48 29.00
C ARG A 272 10.77 -6.71 27.95
N TRP A 273 10.07 -5.89 27.17
CA TRP A 273 10.69 -5.05 26.15
C TRP A 273 11.71 -4.07 26.70
N GLU A 274 11.38 -3.46 27.85
CA GLU A 274 12.31 -2.52 28.49
C GLU A 274 13.62 -3.23 28.84
N HIS A 275 13.50 -4.39 29.48
CA HIS A 275 14.70 -5.19 29.75
C HIS A 275 15.46 -5.56 28.50
N LEU A 276 14.75 -5.94 27.46
CA LEU A 276 15.39 -6.32 26.20
C LEU A 276 16.18 -5.17 25.60
N LYS A 277 15.63 -3.97 25.71
CA LYS A 277 16.35 -2.79 25.29
C LYS A 277 17.64 -2.68 26.10
N LYS A 278 17.49 -2.62 27.43
CA LYS A 278 18.68 -2.43 28.26
C LYS A 278 19.78 -3.45 27.90
N VAL A 279 19.41 -4.72 27.85
CA VAL A 279 20.35 -5.79 27.52
C VAL A 279 20.92 -5.75 26.08
N ALA A 280 20.10 -5.36 25.11
CA ALA A 280 20.56 -5.32 23.73
C ALA A 280 21.54 -4.18 23.53
N SER A 281 21.36 -3.10 24.27
CA SER A 281 22.30 -1.98 24.16
C SER A 281 23.65 -2.30 24.81
N ARG A 282 23.76 -3.47 25.45
CA ARG A 282 25.02 -3.85 26.10
C ARG A 282 25.74 -4.98 25.37
N TYR A 283 25.22 -5.40 24.24
CA TYR A 283 25.85 -6.44 23.45
C TYR A 283 27.05 -5.90 22.69
N GLN A 284 28.16 -6.62 22.71
CA GLN A 284 29.37 -6.17 22.02
C GLN A 284 29.56 -6.78 20.62
N ASN A 285 29.35 -5.96 19.59
CA ASN A 285 29.48 -6.39 18.20
C ASN A 285 30.87 -6.90 17.74
N ASN A 286 31.95 -6.18 18.03
CA ASN A 286 33.30 -6.76 17.90
C ASN A 286 34.00 -6.78 19.25
N ILE A 287 34.74 -7.86 19.50
CA ILE A 287 35.56 -7.92 20.70
C ILE A 287 36.57 -6.77 20.68
N LYS A 288 36.95 -6.33 19.48
CA LYS A 288 37.96 -5.30 19.31
C LYS A 288 37.35 -3.93 19.04
N ASN A 289 36.45 -3.50 19.93
CA ASN A 289 35.76 -2.23 19.77
C ASN A 289 34.76 -1.95 20.90
N ASP A 290 34.86 -0.80 21.54
CA ASP A 290 34.00 -0.54 22.69
C ASP A 290 32.68 0.14 22.34
N LYS A 291 32.19 -0.06 21.13
CA LYS A 291 31.01 0.65 20.66
C LYS A 291 29.72 -0.18 20.81
N TYR A 292 28.67 0.50 21.26
CA TYR A 292 27.43 -0.14 21.68
C TYR A 292 26.26 0.73 21.26
N GLY A 293 25.13 0.10 20.90
CA GLY A 293 23.98 0.86 20.45
C GLY A 293 22.68 0.10 20.32
N PRO A 294 21.67 0.71 19.68
CA PRO A 294 20.29 0.20 19.57
C PRO A 294 20.05 -0.71 18.38
N TRP A 295 21.10 -1.22 17.72
CA TRP A 295 20.91 -2.03 16.53
C TRP A 295 19.97 -3.23 16.62
N LEU A 296 20.06 -4.03 17.68
CA LEU A 296 19.23 -5.21 17.81
C LEU A 296 17.78 -4.86 18.10
N GLU A 297 17.61 -3.87 18.97
CA GLU A 297 16.30 -3.34 19.25
C GLU A 297 15.64 -2.88 17.97
N TRP A 298 16.40 -2.13 17.17
CA TRP A 298 15.91 -1.62 15.91
C TRP A 298 15.60 -2.73 14.94
N GLU A 299 16.44 -3.75 14.91
CA GLU A 299 16.23 -4.88 14.03
C GLU A 299 14.94 -5.62 14.35
N ILE A 300 14.64 -5.73 15.65
CA ILE A 300 13.41 -6.37 16.11
C ILE A 300 12.19 -5.53 15.74
N MET A 301 12.23 -4.23 16.07
CA MET A 301 11.15 -3.32 15.68
C MET A 301 10.88 -3.33 14.17
N LEU A 302 11.95 -3.33 13.38
CA LEU A 302 11.78 -3.28 11.95
C LEU A 302 11.24 -4.59 11.42
N GLN A 303 11.80 -5.70 11.90
CA GLN A 303 11.30 -7.00 11.47
C GLN A 303 9.83 -7.14 11.81
N TYR A 304 9.40 -6.50 12.89
CA TYR A 304 8.00 -6.57 13.25
C TYR A 304 7.06 -5.56 12.55
N CYS A 305 7.57 -4.39 12.20
CA CYS A 305 6.69 -3.27 11.86
C CYS A 305 6.95 -2.61 10.52
N PHE A 306 8.13 -2.83 9.96
CA PHE A 306 8.50 -2.23 8.68
C PHE A 306 7.78 -2.95 7.53
N PRO A 307 7.34 -2.18 6.52
CA PRO A 307 6.73 -2.68 5.27
C PRO A 307 7.61 -3.63 4.48
N ARG A 308 6.99 -4.59 3.82
CA ARG A 308 7.74 -5.47 2.94
C ARG A 308 7.34 -5.15 1.51
N LEU A 309 8.31 -5.17 0.59
CA LEU A 309 8.09 -4.63 -0.76
C LEU A 309 8.40 -5.61 -1.91
N ASP A 310 7.35 -6.09 -2.58
CA ASP A 310 7.49 -7.00 -3.74
C ASP A 310 8.18 -6.27 -4.88
N ILE A 311 9.39 -6.70 -5.23
CA ILE A 311 10.13 -6.08 -6.33
C ILE A 311 9.36 -6.08 -7.69
N ASN A 312 8.58 -7.13 -7.96
CA ASN A 312 7.84 -7.25 -9.23
C ASN A 312 6.78 -6.16 -9.51
N VAL A 313 5.94 -5.89 -8.50
CA VAL A 313 4.87 -4.90 -8.64
C VAL A 313 5.39 -3.52 -9.04
N SER A 314 6.51 -3.12 -8.45
CA SER A 314 7.08 -1.78 -8.64
C SER A 314 8.01 -1.73 -9.84
N LYS A 315 8.76 -2.82 -10.03
CA LYS A 315 9.73 -2.93 -11.11
C LYS A 315 9.06 -2.96 -12.46
N GLY A 316 8.03 -3.80 -12.59
CA GLY A 316 7.40 -3.98 -13.89
C GLY A 316 6.74 -2.70 -14.39
N ILE A 317 6.98 -2.34 -15.64
CA ILE A 317 6.36 -1.19 -16.27
C ILE A 317 4.98 -1.53 -16.86
N ASN A 318 4.83 -2.71 -17.44
CA ASN A 318 3.52 -3.11 -17.95
C ASN A 318 2.56 -3.71 -16.90
N HIS A 319 2.98 -3.72 -15.64
CA HIS A 319 2.19 -4.36 -14.58
C HIS A 319 0.80 -3.74 -14.37
N LEU A 320 -0.25 -4.57 -14.47
CA LEU A 320 -1.60 -4.12 -14.15
C LEU A 320 -1.83 -3.96 -12.64
N LEU A 321 -2.53 -2.90 -12.25
CA LEU A 321 -2.84 -2.70 -10.85
C LEU A 321 -4.30 -2.30 -10.73
N LYS A 322 -4.99 -2.83 -9.72
CA LYS A 322 -6.35 -2.44 -9.41
C LYS A 322 -6.51 -0.94 -9.48
N SER A 323 -7.59 -0.50 -10.15
CA SER A 323 -7.88 0.90 -10.35
C SER A 323 -8.44 1.58 -9.12
N PRO A 324 -8.07 2.84 -8.89
CA PRO A 324 -8.77 3.57 -7.83
C PRO A 324 -10.27 3.63 -8.15
N PHE A 325 -11.10 3.66 -7.11
CA PHE A 325 -12.55 3.65 -7.23
C PHE A 325 -13.16 2.38 -7.85
N SER A 326 -12.33 1.37 -8.05
CA SER A 326 -12.83 0.02 -8.21
C SER A 326 -13.66 -0.43 -7.00
N VAL A 327 -14.38 -1.52 -7.22
CA VAL A 327 -15.22 -2.14 -6.22
C VAL A 327 -14.65 -3.52 -5.94
N HIS A 328 -14.51 -3.88 -4.67
CA HIS A 328 -13.95 -5.19 -4.41
C HIS A 328 -15.04 -6.22 -4.58
N PRO A 329 -14.77 -7.21 -5.41
CA PRO A 329 -15.86 -8.13 -5.76
C PRO A 329 -16.24 -9.01 -4.58
N LYS A 330 -15.45 -9.07 -3.53
CA LYS A 330 -15.85 -9.90 -2.38
C LYS A 330 -16.43 -9.08 -1.24
N THR A 331 -15.79 -7.97 -0.92
CA THR A 331 -16.17 -7.19 0.25
C THR A 331 -17.24 -6.14 -0.09
N GLY A 332 -17.30 -5.77 -1.38
CA GLY A 332 -18.12 -4.67 -1.84
C GLY A 332 -17.54 -3.28 -1.63
N ARG A 333 -16.36 -3.20 -0.99
CA ARG A 333 -15.79 -1.91 -0.61
CA ARG A 333 -15.77 -1.93 -0.61
C ARG A 333 -15.14 -1.22 -1.81
N ILE A 334 -15.22 0.11 -1.83
CA ILE A 334 -14.66 0.90 -2.91
C ILE A 334 -13.19 1.11 -2.64
N SER A 335 -12.38 1.01 -3.68
CA SER A 335 -10.98 1.38 -3.56
C SER A 335 -10.85 2.89 -3.42
N VAL A 336 -10.83 3.36 -2.18
CA VAL A 336 -10.86 4.81 -1.94
C VAL A 336 -9.48 5.42 -1.71
N PRO A 337 -9.32 6.70 -2.09
CA PRO A 337 -8.11 7.47 -1.77
C PRO A 337 -8.04 7.64 -0.28
N ILE A 338 -6.83 7.64 0.26
CA ILE A 338 -6.63 7.75 1.69
C ILE A 338 -6.09 9.14 1.97
N ASP A 339 -6.75 9.87 2.85
CA ASP A 339 -6.28 11.21 3.22
C ASP A 339 -5.00 11.12 4.06
N LEU A 340 -3.87 11.50 3.48
CA LEU A 340 -2.59 11.45 4.20
C LEU A 340 -2.68 12.20 5.52
N GLN A 341 -3.21 13.42 5.49
CA GLN A 341 -3.45 14.16 6.72
C GLN A 341 -4.12 13.39 7.87
N LYS A 342 -5.01 12.45 7.56
CA LYS A 342 -5.59 11.60 8.60
C LYS A 342 -5.22 10.13 8.44
N VAL A 343 -3.96 9.79 8.16
CA VAL A 343 -3.58 8.38 8.05
C VAL A 343 -4.08 7.63 9.29
N ASP A 344 -3.69 8.15 10.44
CA ASP A 344 -4.08 7.63 11.75
C ASP A 344 -5.57 7.34 11.94
N GLN A 345 -6.43 7.97 11.16
CA GLN A 345 -7.85 7.73 11.40
C GLN A 345 -8.51 6.92 10.31
N PHE A 346 -7.76 6.53 9.29
CA PHE A 346 -8.35 5.73 8.24
C PHE A 346 -8.87 4.41 8.81
N ASP A 347 -10.05 3.99 8.36
CA ASP A 347 -10.69 2.80 8.93
C ASP A 347 -11.27 1.96 7.83
N PRO A 348 -10.59 0.86 7.52
CA PRO A 348 -10.98 -0.02 6.40
C PRO A 348 -12.39 -0.61 6.61
N PHE A 349 -12.83 -0.66 7.86
CA PHE A 349 -14.14 -1.21 8.16
C PHE A 349 -15.27 -0.23 7.94
N THR A 350 -14.98 1.08 7.92
CA THR A 350 -16.05 2.02 7.58
C THR A 350 -15.87 2.58 6.18
N VAL A 351 -15.20 1.82 5.33
CA VAL A 351 -15.09 2.25 3.95
C VAL A 351 -16.42 1.99 3.29
N PRO A 352 -16.91 2.96 2.49
CA PRO A 352 -18.23 2.82 1.86
C PRO A 352 -18.26 1.62 0.97
N THR A 353 -19.30 0.80 1.10
CA THR A 353 -19.51 -0.25 0.13
C THR A 353 -20.50 0.25 -0.90
N ILE A 354 -20.60 -0.51 -1.99
CA ILE A 354 -21.43 -0.13 -3.09
C ILE A 354 -22.91 -0.22 -2.68
N SER A 355 -23.26 -1.31 -2.02
CA SER A 355 -24.52 -1.42 -1.27
C SER A 355 -24.86 -0.18 -0.44
N PHE A 356 -23.93 0.21 0.42
CA PHE A 356 -24.22 1.26 1.37
C PHE A 356 -24.50 2.56 0.62
N ILE A 357 -23.63 2.91 -0.33
CA ILE A 357 -23.82 4.21 -1.00
C ILE A 357 -25.06 4.24 -1.91
N CYS A 358 -25.29 3.13 -2.60
CA CYS A 358 -26.51 3.02 -3.40
C CYS A 358 -27.74 3.22 -2.52
N ARG A 359 -27.73 2.63 -1.33
CA ARG A 359 -28.84 2.84 -0.41
C ARG A 359 -28.95 4.30 0.01
N GLU A 360 -27.79 4.95 0.19
CA GLU A 360 -27.77 6.34 0.60
C GLU A 360 -28.48 7.21 -0.41
N LEU A 361 -28.38 6.85 -1.69
CA LEU A 361 -29.20 7.51 -2.73
C LEU A 361 -30.70 7.70 -2.40
N ASP A 362 -31.34 6.74 -1.75
CA ASP A 362 -32.76 6.86 -1.42
C ASP A 362 -33.07 7.99 -0.44
N ALA A 363 -32.12 8.32 0.43
CA ALA A 363 -32.35 9.33 1.46
C ALA A 363 -31.88 10.71 1.03
N THR A 364 -30.81 10.76 0.23
CA THR A 364 -30.25 12.03 -0.23
C THR A 364 -30.97 12.56 -1.49
N ARG A 365 -31.38 11.66 -2.38
CA ARG A 365 -31.94 12.04 -3.68
C ARG A 365 -30.98 12.92 -4.49
N ASP A 366 -29.69 12.85 -4.19
CA ASP A 366 -28.64 13.54 -4.96
C ASP A 366 -27.38 12.67 -5.00
N TYR A 367 -26.75 12.62 -6.17
CA TYR A 367 -25.67 11.68 -6.43
C TYR A 367 -24.31 12.10 -5.85
N LYS A 368 -24.11 13.40 -5.64
CA LYS A 368 -22.85 13.92 -5.12
C LYS A 368 -22.79 13.87 -3.60
N LYS A 369 -23.85 13.36 -2.98
CA LYS A 369 -24.07 13.45 -1.54
C LYS A 369 -24.13 12.10 -0.85
N THR A 370 -23.29 11.14 -1.25
CA THR A 370 -23.21 9.92 -0.46
C THR A 370 -21.94 9.94 0.34
N SER A 371 -21.68 8.86 1.06
CA SER A 371 -20.45 8.71 1.82
C SER A 371 -19.19 8.64 0.95
N LEU A 372 -19.35 8.59 -0.37
CA LEU A 372 -18.23 8.57 -1.32
C LEU A 372 -17.58 9.96 -1.47
N ALA A 373 -18.35 10.97 -1.08
CA ALA A 373 -18.00 12.35 -1.29
C ALA A 373 -16.60 12.78 -0.80
N PRO A 374 -16.25 12.51 0.49
CA PRO A 374 -14.97 12.98 1.06
C PRO A 374 -13.74 12.34 0.42
N TYR A 375 -13.91 11.10 0.01
CA TYR A 375 -12.90 10.38 -0.73
C TYR A 375 -12.70 11.03 -2.08
N VAL A 376 -13.82 11.36 -2.73
CA VAL A 376 -13.73 12.11 -3.98
C VAL A 376 -13.00 13.43 -3.71
N LYS A 377 -13.21 14.04 -2.56
CA LYS A 377 -12.47 15.28 -2.24
C LYS A 377 -10.96 15.10 -2.09
N VAL A 378 -10.55 13.97 -1.50
CA VAL A 378 -9.14 13.62 -1.35
C VAL A 378 -8.54 13.51 -2.75
N PHE A 379 -9.30 12.85 -3.61
CA PHE A 379 -8.92 12.69 -5.03
C PHE A 379 -8.71 14.06 -5.72
N GLU A 380 -9.74 14.88 -5.69
CA GLU A 380 -9.71 16.19 -6.30
C GLU A 380 -8.53 16.97 -5.81
N HIS A 381 -8.25 16.87 -4.52
CA HIS A 381 -7.15 17.61 -3.93
C HIS A 381 -5.81 17.23 -4.59
N PHE A 382 -5.59 15.92 -4.62
CA PHE A 382 -4.42 15.38 -5.31
C PHE A 382 -4.34 15.88 -6.76
N LEU A 383 -5.49 15.87 -7.45
CA LEU A 383 -5.60 16.48 -8.79
C LEU A 383 -5.20 17.96 -8.87
N GLU A 384 -5.58 18.78 -7.90
CA GLU A 384 -5.18 20.18 -7.93
C GLU A 384 -3.67 20.27 -7.80
N ASN A 385 -3.08 19.36 -7.02
CA ASN A 385 -1.61 19.39 -6.93
C ASN A 385 -0.91 19.00 -8.24
N LEU A 386 -1.43 17.98 -8.91
CA LEU A 386 -0.99 17.73 -10.28
C LEU A 386 -1.11 18.98 -11.16
N ASP A 387 -2.27 19.64 -11.11
CA ASP A 387 -2.52 20.83 -11.94
C ASP A 387 -1.49 21.94 -11.70
N LYS A 388 -1.44 22.39 -10.45
CA LYS A 388 -0.43 23.32 -9.99
C LYS A 388 0.97 22.97 -10.51
N SER A 389 1.32 21.69 -10.51
CA SER A 389 2.59 21.32 -11.13
C SER A 389 2.54 21.73 -12.60
ZN ZN B . -5.72 -8.54 12.74
MN MN C . -3.08 -5.69 -2.45
MN MN D . -0.12 -7.72 -3.99
PA UTP E . -3.69 -7.91 -5.43
O1A UTP E . -2.90 -7.22 -4.37
O2A UTP E . -3.89 -9.40 -5.05
O3A UTP E . -5.10 -7.25 -5.57
O5' UTP E . -2.89 -7.84 -6.77
PB UTP E . -5.52 -5.92 -4.84
O1B UTP E . -4.29 -5.29 -4.18
O2B UTP E . -6.03 -4.98 -5.84
O3B UTP E . -6.67 -6.19 -3.77
PG UTP E . -6.53 -6.86 -2.34
O1G UTP E . -7.15 -5.94 -1.25
O2G UTP E . -5.05 -7.09 -2.02
O3G UTP E . -7.28 -8.17 -2.28
#